data_2G57
#
_entry.id   2G57
#
_entity_poly.entity_id   1
_entity_poly.type   'polypeptide(L)'
_entity_poly.pdbx_seq_one_letter_code
;(ACE)KAAVSHWQQQSYLD(SEP)GIH(SEP)GATTTAP(NH2)
;
_entity_poly.pdbx_strand_id   A
#
loop_
_chem_comp.id
_chem_comp.type
_chem_comp.name
_chem_comp.formula
ACE non-polymer 'ACETYL GROUP' 'C2 H4 O'
NH2 non-polymer 'AMINO GROUP' 'H2 N'
#
# COMPACT_ATOMS: atom_id res chain seq x y z
C ACE A 1 14.58 -3.20 13.59
O ACE A 1 15.16 -2.17 13.90
CH3 ACE A 1 14.13 -4.18 14.64
H1 ACE A 1 14.89 -4.38 15.40
H2 ACE A 1 13.87 -5.15 14.23
H3 ACE A 1 13.26 -3.84 15.18
N LYS A 2 14.31 -3.54 12.33
CA LYS A 2 14.69 -2.67 11.21
C LYS A 2 13.97 -3.10 9.94
N ALA A 3 13.85 -4.41 9.74
CA ALA A 3 13.17 -4.94 8.56
C ALA A 3 11.66 -4.87 8.72
N ALA A 4 11.22 -4.55 9.93
CA ALA A 4 9.79 -4.45 10.23
C ALA A 4 9.48 -3.16 10.98
N VAL A 5 10.47 -2.27 11.05
CA VAL A 5 10.30 -0.99 11.74
C VAL A 5 10.45 0.17 10.78
N SER A 6 10.98 -0.12 9.59
CA SER A 6 11.17 0.90 8.57
C SER A 6 10.67 0.42 7.21
N HIS A 7 10.04 -0.75 7.20
CA HIS A 7 9.51 -1.31 5.97
C HIS A 7 7.99 -1.38 6.02
N TRP A 8 7.41 -0.76 7.04
CA TRP A 8 5.96 -0.74 7.19
C TRP A 8 5.36 0.57 6.65
N GLN A 9 6.22 1.41 6.07
CA GLN A 9 5.77 2.67 5.51
C GLN A 9 5.58 2.57 4.00
N GLN A 10 6.54 1.91 3.33
CA GLN A 10 6.46 1.73 1.89
C GLN A 10 5.55 0.57 1.51
N GLN A 11 4.63 0.23 2.41
CA GLN A 11 3.70 -0.86 2.18
C GLN A 11 2.32 -0.53 2.73
N SER A 12 2.26 0.45 3.63
CA SER A 12 1.00 0.84 4.25
C SER A 12 0.36 2.00 3.48
N TYR A 13 1.05 2.49 2.46
CA TYR A 13 0.52 3.59 1.65
C TYR A 13 -0.12 3.07 0.37
N LEU A 14 -0.02 1.76 0.15
CA LEU A 14 -0.58 1.14 -1.04
C LEU A 14 -2.05 0.80 -0.83
N ASP A 15 -2.52 0.97 0.41
CA ASP A 15 -3.91 0.68 0.74
C ASP A 15 -4.66 1.97 1.09
N SEP A 16 -4.07 3.10 0.74
CA SEP A 16 -4.68 4.40 1.02
CB SEP A 16 -3.76 5.53 0.53
OG SEP A 16 -2.51 5.48 1.23
C SEP A 16 -6.04 4.52 0.35
O SEP A 16 -6.98 5.05 0.94
P SEP A 16 -1.73 6.84 1.56
O1P SEP A 16 -0.73 6.49 2.75
O2P SEP A 16 -2.84 7.88 1.98
O3P SEP A 16 -0.98 7.23 0.23
H SEP A 16 -3.20 3.07 0.29
HA SEP A 16 -4.80 4.49 2.08
HB2 SEP A 16 -3.59 5.41 -0.52
HB3 SEP A 16 -4.24 6.49 0.72
N GLY A 17 -6.15 4.02 -0.88
CA GLY A 17 -7.40 4.09 -1.60
C GLY A 17 -7.20 4.38 -3.07
N ILE A 18 -6.42 3.55 -3.75
CA ILE A 18 -6.16 3.73 -5.18
C ILE A 18 -7.23 3.06 -6.03
N HIS A 19 -8.29 3.80 -6.32
CA HIS A 19 -9.39 3.28 -7.13
C HIS A 19 -10.01 2.05 -6.48
N SEP A 20 -9.68 1.81 -5.21
CA SEP A 20 -10.20 0.67 -4.47
CB SEP A 20 -11.71 0.79 -4.31
OG SEP A 20 -12.02 1.44 -3.07
C SEP A 20 -9.85 -0.65 -5.17
O SEP A 20 -10.42 -1.69 -4.87
P SEP A 20 -13.42 2.19 -2.87
O1P SEP A 20 -13.73 2.13 -1.32
O2P SEP A 20 -14.46 1.36 -3.73
O3P SEP A 20 -13.19 3.65 -3.41
H SEP A 20 -9.05 2.42 -4.77
HA SEP A 20 -9.73 0.67 -3.49
HB2 SEP A 20 -12.12 1.37 -5.12
HB3 SEP A 20 -12.16 -0.19 -4.31
N GLY A 21 -8.90 -0.58 -6.10
CA GLY A 21 -8.49 -1.77 -6.82
C GLY A 21 -7.23 -2.39 -6.26
N ALA A 22 -6.74 -1.82 -5.16
CA ALA A 22 -5.53 -2.31 -4.51
C ALA A 22 -5.85 -3.39 -3.48
N THR A 23 -7.06 -3.92 -3.55
CA THR A 23 -7.51 -4.96 -2.63
C THR A 23 -8.07 -6.16 -3.38
N THR A 24 -7.88 -6.17 -4.70
CA THR A 24 -8.36 -7.26 -5.54
C THR A 24 -7.21 -8.13 -6.03
N THR A 25 -6.03 -7.52 -6.17
CA THR A 25 -4.85 -8.24 -6.63
C THR A 25 -3.79 -8.30 -5.54
N ALA A 26 -4.05 -7.64 -4.43
CA ALA A 26 -3.11 -7.62 -3.31
C ALA A 26 -3.28 -8.85 -2.40
N PRO A 27 -4.51 -9.16 -1.96
CA PRO A 27 -4.76 -10.32 -1.09
C PRO A 27 -4.47 -11.64 -1.79
N NH2 A 28 -5.41 -12.13 -2.59
HN1 NH2 A 28 -6.24 -11.61 -2.68
HN2 NH2 A 28 -5.25 -12.98 -3.04
C ACE A 1 14.78 -4.10 11.66
O ACE A 1 15.25 -2.98 11.87
CH3 ACE A 1 14.48 -5.04 12.80
H1 ACE A 1 14.73 -6.07 12.59
H2 ACE A 1 13.44 -5.04 13.08
H3 ACE A 1 15.02 -4.78 13.71
N LYS A 2 14.51 -4.57 10.45
CA LYS A 2 14.75 -3.76 9.25
C LYS A 2 13.73 -4.09 8.17
N ALA A 3 13.60 -5.37 7.85
CA ALA A 3 12.66 -5.81 6.82
C ALA A 3 11.24 -5.78 7.35
N ALA A 4 11.09 -5.48 8.63
CA ALA A 4 9.77 -5.43 9.26
C ALA A 4 9.60 -4.14 10.08
N VAL A 5 10.51 -3.19 9.89
CA VAL A 5 10.45 -1.93 10.61
C VAL A 5 10.54 -0.74 9.65
N SER A 6 11.11 -0.97 8.47
CA SER A 6 11.25 0.08 7.48
C SER A 6 10.49 -0.26 6.20
N HIS A 7 9.96 -1.48 6.14
CA HIS A 7 9.21 -1.93 4.97
C HIS A 7 7.71 -1.99 5.26
N TRP A 8 7.30 -1.41 6.40
CA TRP A 8 5.90 -1.40 6.78
C TRP A 8 5.23 -0.07 6.40
N GLN A 9 6.05 0.87 5.91
CA GLN A 9 5.55 2.18 5.52
C GLN A 9 5.31 2.23 4.02
N GLN A 10 6.07 1.43 3.28
CA GLN A 10 5.93 1.39 1.83
C GLN A 10 4.78 0.49 1.41
N GLN A 11 4.02 0.02 2.40
CA GLN A 11 2.89 -0.85 2.15
C GLN A 11 1.62 -0.30 2.81
N SER A 12 1.81 0.67 3.70
CA SER A 12 0.69 1.29 4.40
C SER A 12 0.20 2.54 3.69
N TYR A 13 0.85 2.89 2.58
CA TYR A 13 0.48 4.06 1.81
C TYR A 13 -0.01 3.68 0.42
N LEU A 14 -0.07 2.38 0.15
CA LEU A 14 -0.52 1.88 -1.15
C LEU A 14 -2.04 1.70 -1.16
N ASP A 15 -2.66 1.95 -0.02
CA ASP A 15 -4.10 1.82 0.11
C ASP A 15 -4.77 3.18 0.28
N SEP A 16 -3.98 4.24 0.12
CA SEP A 16 -4.48 5.60 0.25
CB SEP A 16 -3.62 6.38 1.23
OG SEP A 16 -3.94 6.01 2.57
C SEP A 16 -4.50 6.31 -1.11
O SEP A 16 -4.86 7.48 -1.20
P SEP A 16 -3.35 6.84 3.81
O1P SEP A 16 -1.79 6.62 3.77
O2P SEP A 16 -4.03 6.23 5.09
O3P SEP A 16 -3.76 8.34 3.54
H SEP A 16 -3.03 4.10 -0.11
HA SEP A 16 -5.50 5.54 0.63
HB2 SEP A 16 -2.58 6.18 1.05
HB3 SEP A 16 -3.82 7.44 1.11
N GLY A 17 -4.10 5.59 -2.15
CA GLY A 17 -4.09 6.17 -3.48
C GLY A 17 -4.65 5.23 -4.52
N ILE A 18 -4.35 3.94 -4.39
CA ILE A 18 -4.82 2.94 -5.32
C ILE A 18 -6.19 2.42 -4.89
N HIS A 19 -7.11 2.33 -5.84
CA HIS A 19 -8.47 1.84 -5.55
C HIS A 19 -8.48 0.34 -5.34
N SEP A 20 -7.29 -0.26 -5.33
CA SEP A 20 -7.16 -1.71 -5.13
CB SEP A 20 -7.75 -2.11 -3.78
OG SEP A 20 -9.03 -2.72 -3.97
C SEP A 20 -7.83 -2.48 -6.26
O SEP A 20 -7.92 -3.71 -6.21
P SEP A 20 -10.12 -2.66 -2.80
O1P SEP A 20 -9.53 -3.50 -1.60
O2P SEP A 20 -11.43 -3.29 -3.40
O3P SEP A 20 -10.29 -1.12 -2.45
H SEP A 20 -6.48 0.28 -5.47
HA SEP A 20 -6.10 -1.94 -5.14
HB2 SEP A 20 -7.09 -2.82 -3.30
HB3 SEP A 20 -7.85 -1.23 -3.16
N GLY A 21 -8.29 -1.76 -7.27
CA GLY A 21 -8.94 -2.39 -8.40
C GLY A 21 -8.70 -1.64 -9.70
N ALA A 22 -7.64 -0.85 -9.73
CA ALA A 22 -7.29 -0.07 -10.92
C ALA A 22 -6.29 -0.81 -11.79
N THR A 23 -5.93 -2.02 -11.38
CA THR A 23 -4.98 -2.85 -12.13
C THR A 23 -5.71 -3.96 -12.87
N THR A 24 -6.56 -4.67 -12.16
CA THR A 24 -7.33 -5.76 -12.74
C THR A 24 -8.58 -6.00 -11.91
N THR A 25 -9.19 -4.91 -11.46
CA THR A 25 -10.40 -4.97 -10.64
C THR A 25 -10.22 -5.90 -9.45
N ALA A 26 -8.97 -6.03 -9.00
CA ALA A 26 -8.66 -6.89 -7.86
C ALA A 26 -7.35 -6.49 -7.16
N PRO A 27 -6.24 -6.33 -7.92
CA PRO A 27 -4.95 -5.94 -7.33
C PRO A 27 -5.01 -4.60 -6.62
N NH2 A 28 -5.00 -3.52 -7.39
HN1 NH2 A 28 -4.92 -3.64 -8.36
HN2 NH2 A 28 -5.03 -2.63 -6.95
C ACE A 1 13.94 -4.35 14.34
O ACE A 1 14.24 -3.34 14.99
CH3 ACE A 1 13.66 -5.65 15.04
H1 ACE A 1 13.49 -6.46 14.34
H2 ACE A 1 12.78 -5.61 15.67
H3 ACE A 1 14.48 -5.98 15.67
N LYS A 2 13.83 -4.35 13.02
CA LYS A 2 14.06 -3.15 12.22
C LYS A 2 13.63 -3.36 10.78
N ALA A 3 13.82 -4.58 10.28
CA ALA A 3 13.45 -4.92 8.92
C ALA A 3 11.96 -5.25 8.81
N ALA A 4 11.30 -5.29 9.96
CA ALA A 4 9.87 -5.61 10.01
C ALA A 4 9.11 -4.60 10.85
N VAL A 5 9.79 -3.53 11.25
CA VAL A 5 9.18 -2.50 12.08
C VAL A 5 9.19 -1.15 11.35
N SER A 6 10.07 -1.03 10.36
CA SER A 6 10.19 0.21 9.59
C SER A 6 9.89 -0.04 8.11
N HIS A 7 9.44 -1.25 7.80
CA HIS A 7 9.12 -1.61 6.42
C HIS A 7 7.63 -1.90 6.24
N TRP A 8 6.83 -1.51 7.23
CA TRP A 8 5.39 -1.73 7.17
C TRP A 8 4.65 -0.47 6.71
N GLN A 9 5.38 0.63 6.61
CA GLN A 9 4.78 1.88 6.17
C GLN A 9 5.03 2.10 4.68
N GLN A 10 6.02 1.38 4.15
CA GLN A 10 6.37 1.47 2.74
C GLN A 10 5.44 0.58 1.92
N GLN A 11 4.34 0.17 2.54
CA GLN A 11 3.36 -0.70 1.90
C GLN A 11 1.95 -0.16 2.12
N SER A 12 1.75 0.47 3.28
CA SER A 12 0.45 1.02 3.64
C SER A 12 0.26 2.42 3.07
N TYR A 13 1.16 2.85 2.18
CA TYR A 13 1.07 4.16 1.57
C TYR A 13 0.84 4.04 0.07
N LEU A 14 0.94 2.82 -0.44
CA LEU A 14 0.73 2.56 -1.86
C LEU A 14 -0.75 2.68 -2.22
N ASP A 15 -1.59 2.76 -1.19
CA ASP A 15 -3.02 2.89 -1.39
C ASP A 15 -3.38 4.29 -1.87
N SEP A 16 -3.33 5.26 -0.96
CA SEP A 16 -3.63 6.65 -1.27
CB SEP A 16 -2.66 7.19 -2.32
OG SEP A 16 -3.26 8.26 -3.05
C SEP A 16 -5.08 6.80 -1.76
O SEP A 16 -5.96 7.18 -0.99
P SEP A 16 -2.35 9.43 -3.66
O1P SEP A 16 -3.19 10.06 -4.85
O2P SEP A 16 -1.03 8.71 -4.16
O3P SEP A 16 -2.09 10.44 -2.48
H SEP A 16 -3.06 5.03 -0.04
HA SEP A 16 -3.52 7.22 -0.36
HB2 SEP A 16 -1.77 7.55 -1.82
HB3 SEP A 16 -2.39 6.40 -3.00
N GLY A 17 -5.31 6.51 -3.02
CA GLY A 17 -6.65 6.61 -3.59
C GLY A 17 -7.16 5.29 -4.12
N ILE A 18 -6.25 4.47 -4.64
CA ILE A 18 -6.61 3.18 -5.17
C ILE A 18 -6.05 2.04 -4.33
N HIS A 19 -6.91 1.11 -3.95
CA HIS A 19 -6.53 -0.03 -3.14
C HIS A 19 -5.67 -1.01 -3.94
N SEP A 20 -5.39 -0.66 -5.18
CA SEP A 20 -4.59 -1.51 -6.07
CB SEP A 20 -3.18 -1.72 -5.49
OG SEP A 20 -2.35 -2.39 -6.43
C SEP A 20 -5.27 -2.86 -6.28
O SEP A 20 -4.64 -3.82 -6.75
P SEP A 20 -1.51 -3.68 -5.99
O1P SEP A 20 -2.48 -4.54 -5.09
O2P SEP A 20 -0.27 -3.12 -5.17
O3P SEP A 20 -1.10 -4.40 -7.33
H SEP A 20 -5.73 0.19 -5.53
HA SEP A 20 -4.50 -1.02 -7.02
HB2 SEP A 20 -2.76 -0.75 -5.26
HB3 SEP A 20 -3.25 -2.31 -4.58
N GLY A 21 -6.55 -2.94 -5.94
CA GLY A 21 -7.30 -4.17 -6.10
C GLY A 21 -8.21 -4.13 -7.32
N ALA A 22 -8.15 -3.04 -8.07
CA ALA A 22 -8.96 -2.88 -9.27
C ALA A 22 -8.32 -3.57 -10.46
N THR A 23 -7.30 -4.38 -10.20
CA THR A 23 -6.60 -5.10 -11.26
C THR A 23 -6.86 -6.60 -11.17
N THR A 24 -6.68 -7.15 -9.97
CA THR A 24 -6.90 -8.57 -9.74
C THR A 24 -7.35 -8.81 -8.29
N THR A 25 -8.06 -7.84 -7.73
CA THR A 25 -8.53 -7.93 -6.35
C THR A 25 -7.37 -7.94 -5.38
N ALA A 26 -6.18 -7.62 -5.90
CA ALA A 26 -4.96 -7.59 -5.08
C ALA A 26 -4.80 -8.89 -4.29
N PRO A 27 -4.34 -9.97 -4.97
CA PRO A 27 -4.14 -11.27 -4.32
C PRO A 27 -2.95 -11.25 -3.35
N NH2 A 28 -1.74 -11.41 -3.87
HN1 NH2 A 28 -1.66 -11.52 -4.83
HN2 NH2 A 28 -0.98 -11.39 -3.25
C ACE A 1 17.42 2.16 7.75
O ACE A 1 17.35 3.39 7.83
CH3 ACE A 1 18.19 1.37 8.78
H1 ACE A 1 18.29 1.90 9.73
H2 ACE A 1 19.19 1.13 8.47
H3 ACE A 1 17.72 0.43 9.03
N LYS A 2 16.87 1.46 6.78
CA LYS A 2 16.10 2.09 5.71
C LYS A 2 15.28 1.05 4.95
N ALA A 3 15.87 -0.12 4.74
CA ALA A 3 15.20 -1.20 4.03
C ALA A 3 14.45 -2.12 4.98
N ALA A 4 14.45 -1.74 6.26
CA ALA A 4 13.77 -2.54 7.29
C ALA A 4 13.04 -1.64 8.28
N VAL A 5 13.02 -0.34 7.99
CA VAL A 5 12.36 0.63 8.86
C VAL A 5 11.56 1.64 8.04
N SER A 6 11.67 1.55 6.71
CA SER A 6 10.96 2.46 5.83
C SER A 6 10.26 1.71 4.70
N HIS A 7 10.44 0.38 4.68
CA HIS A 7 9.82 -0.45 3.65
C HIS A 7 8.43 -0.89 4.09
N TRP A 8 8.15 -0.74 5.38
CA TRP A 8 6.85 -1.13 5.92
C TRP A 8 5.81 -0.03 5.70
N GLN A 9 6.27 1.11 5.19
CA GLN A 9 5.38 2.23 4.91
C GLN A 9 4.99 2.25 3.44
N GLN A 10 5.67 1.43 2.65
CA GLN A 10 5.41 1.34 1.22
C GLN A 10 4.17 0.48 0.95
N GLN A 11 3.57 -0.03 2.03
CA GLN A 11 2.38 -0.85 1.93
C GLN A 11 1.24 -0.24 2.74
N SER A 12 1.58 0.76 3.54
CA SER A 12 0.59 1.43 4.38
C SER A 12 -0.15 2.51 3.60
N TYR A 13 0.43 2.94 2.47
CA TYR A 13 -0.19 3.97 1.66
C TYR A 13 -0.96 3.35 0.49
N LEU A 14 -0.89 2.02 0.38
CA LEU A 14 -1.60 1.31 -0.68
C LEU A 14 -3.08 1.17 -0.36
N ASP A 15 -3.45 1.61 0.84
CA ASP A 15 -4.84 1.53 1.27
C ASP A 15 -5.55 2.87 1.10
N SEP A 16 -4.77 3.94 1.10
CA SEP A 16 -5.32 5.29 0.94
CB SEP A 16 -4.73 6.24 1.99
OG SEP A 16 -5.74 6.64 2.92
C SEP A 16 -5.06 5.83 -0.46
O SEP A 16 -4.01 6.42 -0.72
P SEP A 16 -6.01 5.80 4.25
O1P SEP A 16 -7.56 5.57 4.33
O2P SEP A 16 -5.44 6.68 5.43
O3P SEP A 16 -5.20 4.45 4.06
H SEP A 16 -3.80 3.84 1.21
HA SEP A 16 -6.39 5.23 1.10
HB2 SEP A 16 -3.94 5.72 2.53
HB3 SEP A 16 -4.32 7.11 1.49
N GLY A 17 -6.01 5.60 -1.37
CA GLY A 17 -5.87 6.08 -2.73
C GLY A 17 -5.89 4.95 -3.75
N ILE A 18 -5.05 3.94 -3.51
CA ILE A 18 -4.97 2.79 -4.40
C ILE A 18 -4.67 3.24 -5.82
N HIS A 19 -3.42 3.64 -6.06
CA HIS A 19 -3.00 4.07 -7.39
C HIS A 19 -3.30 2.95 -8.37
N SEP A 20 -3.52 1.76 -7.81
CA SEP A 20 -3.86 0.58 -8.61
CB SEP A 20 -5.23 0.79 -9.23
OG SEP A 20 -5.74 -0.44 -9.74
C SEP A 20 -2.81 0.31 -9.67
O SEP A 20 -3.11 -0.23 -10.73
P SEP A 20 -7.26 -0.86 -9.48
O1P SEP A 20 -7.53 -2.12 -10.39
O2P SEP A 20 -8.12 0.39 -9.91
O3P SEP A 20 -7.35 -1.18 -7.94
H SEP A 20 -3.43 1.66 -6.84
HA SEP A 20 -3.90 -0.26 -7.94
HB2 SEP A 20 -5.91 1.17 -8.46
HB3 SEP A 20 -5.16 1.51 -10.03
N GLY A 21 -1.56 0.68 -9.36
CA GLY A 21 -0.47 0.46 -10.29
C GLY A 21 0.55 -0.52 -9.74
N ALA A 22 0.35 -0.93 -8.49
CA ALA A 22 1.26 -1.86 -7.83
C ALA A 22 0.87 -3.31 -8.14
N THR A 23 -0.06 -3.49 -9.07
CA THR A 23 -0.51 -4.82 -9.45
C THR A 23 -0.14 -5.14 -10.90
N THR A 24 -0.46 -4.21 -11.79
CA THR A 24 -0.16 -4.38 -13.20
C THR A 24 0.13 -3.04 -13.84
N THR A 25 0.77 -2.15 -13.07
CA THR A 25 1.12 -0.81 -13.53
C THR A 25 -0.11 -0.06 -14.03
N ALA A 26 -1.27 -0.45 -13.51
CA ALA A 26 -2.53 0.18 -13.88
C ALA A 26 -2.77 0.11 -15.40
N PRO A 27 -3.39 -0.97 -15.88
CA PRO A 27 -3.67 -1.15 -17.31
C PRO A 27 -4.71 -0.15 -17.82
N NH2 A 28 -4.24 0.98 -18.33
HN1 NH2 A 28 -3.27 1.12 -18.35
HN2 NH2 A 28 -4.89 1.64 -18.66
C ACE A 1 15.54 -0.91 10.89
O ACE A 1 15.79 0.27 10.59
CH3 ACE A 1 15.75 -1.42 12.28
H1 ACE A 1 15.43 -2.44 12.41
H2 ACE A 1 15.22 -0.85 13.03
H3 ACE A 1 16.79 -1.39 12.59
N LYS A 2 15.05 -1.79 10.01
CA LYS A 2 14.80 -1.42 8.62
C LYS A 2 13.93 -2.48 7.94
N ALA A 3 14.23 -3.74 8.22
CA ALA A 3 13.48 -4.84 7.64
C ALA A 3 12.21 -5.12 8.43
N ALA A 4 11.98 -4.33 9.47
CA ALA A 4 10.81 -4.48 10.32
C ALA A 4 10.28 -3.13 10.80
N VAL A 5 10.89 -2.06 10.32
CA VAL A 5 10.49 -0.72 10.71
C VAL A 5 10.44 0.22 9.50
N SER A 6 10.62 -0.33 8.30
CA SER A 6 10.59 0.47 7.09
C SER A 6 9.82 -0.24 5.97
N HIS A 7 9.48 -1.52 6.19
CA HIS A 7 8.75 -2.28 5.18
C HIS A 7 7.25 -2.21 5.43
N TRP A 8 6.86 -1.56 6.54
CA TRP A 8 5.45 -1.42 6.88
C TRP A 8 4.91 -0.08 6.42
N GLN A 9 5.79 0.77 5.91
CA GLN A 9 5.41 2.09 5.43
C GLN A 9 5.32 2.10 3.91
N GLN A 10 6.06 1.19 3.27
CA GLN A 10 6.07 1.09 1.82
C GLN A 10 4.86 0.31 1.33
N GLN A 11 3.93 0.03 2.24
CA GLN A 11 2.72 -0.71 1.92
C GLN A 11 1.51 -0.11 2.62
N SER A 12 1.77 0.86 3.50
CA SER A 12 0.70 1.51 4.24
C SER A 12 0.13 2.69 3.46
N TYR A 13 0.80 3.06 2.37
CA TYR A 13 0.35 4.17 1.54
C TYR A 13 -0.29 3.66 0.25
N LEU A 14 -0.19 2.36 0.02
CA LEU A 14 -0.76 1.74 -1.17
C LEU A 14 -2.20 1.31 -0.93
N ASP A 15 -2.74 1.66 0.24
CA ASP A 15 -4.10 1.31 0.59
C ASP A 15 -4.89 2.54 1.03
N SEP A 16 -4.32 3.72 0.76
CA SEP A 16 -4.96 4.97 1.13
CB SEP A 16 -4.03 6.15 0.82
OG SEP A 16 -4.10 7.12 1.87
C SEP A 16 -6.28 5.15 0.38
O SEP A 16 -7.12 5.96 0.78
P SEP A 16 -4.74 8.55 1.59
O1P SEP A 16 -6.27 8.42 1.97
O2P SEP A 16 -4.53 8.83 0.05
O3P SEP A 16 -3.97 9.56 2.52
H SEP A 16 -3.45 3.74 0.31
HA SEP A 16 -5.15 4.95 2.19
HB2 SEP A 16 -3.02 5.78 0.73
HB3 SEP A 16 -4.33 6.60 -0.11
N GLY A 17 -6.46 4.40 -0.69
CA GLY A 17 -7.67 4.49 -1.48
C GLY A 17 -7.41 4.94 -2.90
N ILE A 18 -6.60 4.17 -3.62
CA ILE A 18 -6.26 4.51 -5.00
C ILE A 18 -6.45 3.31 -5.90
N HIS A 19 -6.12 2.16 -5.38
CA HIS A 19 -6.25 0.90 -6.09
C HIS A 19 -7.69 0.42 -5.99
N SEP A 20 -8.64 1.34 -6.15
CA SEP A 20 -10.05 1.02 -6.04
CB SEP A 20 -10.42 -0.04 -7.08
OG SEP A 20 -11.34 0.50 -8.03
C SEP A 20 -10.33 0.53 -4.64
O SEP A 20 -11.20 -0.33 -4.41
P SEP A 20 -12.90 0.61 -7.69
O1P SEP A 20 -13.66 0.07 -8.95
O2P SEP A 20 -13.16 2.15 -7.42
O3P SEP A 20 -13.11 -0.28 -6.40
H SEP A 20 -8.37 2.26 -6.35
HA SEP A 20 -10.62 1.92 -6.23
HB2 SEP A 20 -9.53 -0.38 -7.58
HB3 SEP A 20 -10.88 -0.88 -6.57
N GLY A 21 -9.59 1.08 -3.68
CA GLY A 21 -9.73 0.66 -2.29
C GLY A 21 -9.30 -0.77 -2.13
N ALA A 22 -8.20 -1.11 -2.80
CA ALA A 22 -7.66 -2.47 -2.77
C ALA A 22 -8.56 -3.41 -3.57
N THR A 23 -9.72 -2.89 -3.99
CA THR A 23 -10.70 -3.62 -4.78
C THR A 23 -11.49 -4.56 -3.88
N THR A 24 -11.17 -4.50 -2.59
CA THR A 24 -11.80 -5.33 -1.57
C THR A 24 -11.12 -5.14 -0.22
N THR A 25 -10.57 -3.94 -0.01
CA THR A 25 -9.86 -3.60 1.22
C THR A 25 -8.68 -4.55 1.45
N ALA A 26 -8.39 -5.37 0.43
CA ALA A 26 -7.29 -6.32 0.51
C ALA A 26 -7.36 -7.16 1.78
N PRO A 27 -8.21 -8.20 1.80
CA PRO A 27 -8.37 -9.08 2.95
C PRO A 27 -7.09 -9.86 3.26
N NH2 A 28 -6.23 -9.29 4.08
HN1 NH2 A 28 -6.45 -8.42 4.46
HN2 NH2 A 28 -5.40 -9.78 4.30
C ACE A 1 11.58 3.93 15.67
O ACE A 1 11.27 5.12 15.67
CH3 ACE A 1 11.37 3.07 16.88
H1 ACE A 1 11.68 3.55 17.80
H2 ACE A 1 11.92 2.14 16.84
H3 ACE A 1 10.34 2.78 17.03
N LYS A 2 12.09 3.33 14.60
CA LYS A 2 12.34 4.04 13.35
C LYS A 2 12.66 3.07 12.22
N ALA A 3 13.40 2.02 12.54
CA ALA A 3 13.77 1.01 11.55
C ALA A 3 12.63 0.04 11.30
N ALA A 4 11.59 0.13 12.12
CA ALA A 4 10.43 -0.75 11.99
C ALA A 4 9.13 0.02 12.20
N VAL A 5 9.24 1.35 12.24
CA VAL A 5 8.08 2.21 12.43
C VAL A 5 7.83 3.09 11.21
N SER A 6 8.84 3.18 10.35
CA SER A 6 8.73 3.99 9.13
C SER A 6 8.93 3.13 7.89
N HIS A 7 9.12 1.84 8.10
CA HIS A 7 9.32 0.90 7.00
C HIS A 7 8.07 0.05 6.76
N TRP A 8 7.12 0.12 7.69
CA TRP A 8 5.88 -0.64 7.58
C TRP A 8 4.91 0.05 6.63
N GLN A 9 5.25 1.28 6.25
CA GLN A 9 4.42 2.06 5.35
C GLN A 9 4.86 1.83 3.90
N GLN A 10 6.03 1.22 3.73
CA GLN A 10 6.55 0.93 2.40
C GLN A 10 5.64 -0.05 1.66
N GLN A 11 4.65 -0.56 2.37
CA GLN A 11 3.71 -1.50 1.80
C GLN A 11 2.27 -1.01 1.99
N SER A 12 2.12 0.09 2.73
CA SER A 12 0.81 0.66 3.00
C SER A 12 0.60 1.96 2.21
N TYR A 13 1.65 2.41 1.54
CA TYR A 13 1.56 3.64 0.76
C TYR A 13 1.23 3.35 -0.69
N LEU A 14 1.22 2.06 -1.05
CA LEU A 14 0.93 1.65 -2.41
C LEU A 14 -0.54 1.22 -2.55
N ASP A 15 -1.24 1.16 -1.43
CA ASP A 15 -2.65 0.76 -1.42
C ASP A 15 -3.52 1.88 -0.84
N SEP A 16 -2.87 2.95 -0.38
CA SEP A 16 -3.59 4.08 0.19
CB SEP A 16 -2.81 4.65 1.38
OG SEP A 16 -3.54 5.73 1.98
C SEP A 16 -3.80 5.17 -0.85
O SEP A 16 -4.54 6.13 -0.63
P SEP A 16 -2.76 6.97 2.62
O1P SEP A 16 -3.83 8.11 2.78
O2P SEP A 16 -1.62 7.33 1.59
O3P SEP A 16 -2.19 6.44 4.00
H SEP A 16 -1.89 2.97 -0.42
HA SEP A 16 -4.55 3.73 0.53
HB2 SEP A 16 -2.65 3.87 2.12
HB3 SEP A 16 -1.85 5.02 1.04
N GLY A 17 -3.15 5.01 -2.01
CA GLY A 17 -3.29 5.98 -3.08
C GLY A 17 -4.19 5.49 -4.20
N ILE A 18 -4.77 4.31 -4.01
CA ILE A 18 -5.66 3.73 -5.01
C ILE A 18 -6.98 3.28 -4.38
N HIS A 19 -7.27 3.82 -3.20
CA HIS A 19 -8.49 3.49 -2.47
C HIS A 19 -8.54 2.00 -2.11
N SEP A 20 -7.44 1.30 -2.37
CA SEP A 20 -7.35 -0.13 -2.09
CB SEP A 20 -7.41 -0.37 -0.57
OG SEP A 20 -6.75 -1.59 -0.24
C SEP A 20 -8.48 -0.90 -2.77
O SEP A 20 -8.77 -2.04 -2.42
P SEP A 20 -6.46 -1.96 1.29
O1P SEP A 20 -7.57 -3.03 1.69
O2P SEP A 20 -6.59 -0.61 2.09
O3P SEP A 20 -5.00 -2.56 1.32
H SEP A 20 -6.66 1.75 -2.77
HA SEP A 20 -6.41 -0.49 -2.46
HB2 SEP A 20 -6.92 0.45 -0.06
HB3 SEP A 20 -8.44 -0.43 -0.25
N GLY A 21 -9.10 -0.26 -3.76
CA GLY A 21 -10.19 -0.89 -4.48
C GLY A 21 -9.98 -0.87 -5.99
N ALA A 22 -8.95 -0.17 -6.43
CA ALA A 22 -8.65 -0.06 -7.86
C ALA A 22 -7.94 -1.31 -8.36
N THR A 23 -7.79 -2.30 -7.48
CA THR A 23 -7.14 -3.55 -7.82
C THR A 23 -8.07 -4.74 -7.63
N THR A 24 -9.12 -4.54 -6.83
CA THR A 24 -10.09 -5.60 -6.56
C THR A 24 -11.27 -5.52 -7.52
N THR A 25 -11.54 -4.31 -8.03
CA THR A 25 -12.65 -4.12 -8.95
C THR A 25 -12.19 -4.20 -10.41
N ALA A 26 -10.93 -4.61 -10.59
CA ALA A 26 -10.36 -4.72 -11.93
C ALA A 26 -11.10 -5.76 -12.78
N PRO A 27 -11.34 -6.98 -12.25
CA PRO A 27 -12.05 -8.04 -12.99
C PRO A 27 -13.41 -7.57 -13.51
N NH2 A 28 -14.39 -7.50 -12.62
HN1 NH2 A 28 -14.21 -7.76 -11.70
HN2 NH2 A 28 -15.28 -7.21 -12.94
C ACE A 1 13.87 -3.37 13.72
O ACE A 1 13.91 -2.18 14.02
CH3 ACE A 1 13.64 -4.43 14.78
H1 ACE A 1 13.91 -5.42 14.45
H2 ACE A 1 12.61 -4.48 15.11
H3 ACE A 1 14.23 -4.25 15.67
N LYS A 2 14.00 -3.82 12.48
CA LYS A 2 14.22 -2.90 11.36
C LYS A 2 13.49 -3.38 10.12
N ALA A 3 13.77 -4.62 9.71
CA ALA A 3 13.14 -5.21 8.54
C ALA A 3 11.73 -5.70 8.86
N ALA A 4 11.35 -5.59 10.14
CA ALA A 4 10.03 -6.03 10.58
C ALA A 4 9.34 -4.94 11.41
N VAL A 5 9.88 -3.74 11.37
CA VAL A 5 9.30 -2.62 12.11
C VAL A 5 9.31 -1.33 11.29
N SER A 6 10.01 -1.36 10.16
CA SER A 6 10.10 -0.18 9.29
C SER A 6 9.63 -0.51 7.86
N HIS A 7 9.15 -1.74 7.67
CA HIS A 7 8.68 -2.16 6.35
C HIS A 7 7.16 -2.03 6.24
N TRP A 8 6.54 -1.61 7.34
CA TRP A 8 5.08 -1.44 7.36
C TRP A 8 4.69 -0.07 6.82
N GLN A 9 5.68 0.74 6.50
CA GLN A 9 5.44 2.07 5.98
C GLN A 9 5.58 2.09 4.45
N GLN A 10 6.37 1.16 3.92
CA GLN A 10 6.57 1.07 2.48
C GLN A 10 5.47 0.24 1.81
N GLN A 11 4.46 -0.12 2.59
CA GLN A 11 3.35 -0.92 2.07
C GLN A 11 2.02 -0.25 2.39
N SER A 12 2.04 0.71 3.31
CA SER A 12 0.84 1.42 3.70
C SER A 12 0.59 2.62 2.80
N TYR A 13 1.55 2.93 1.94
CA TYR A 13 1.43 4.06 1.02
C TYR A 13 1.09 3.57 -0.39
N LEU A 14 1.16 2.26 -0.58
CA LEU A 14 0.87 1.67 -1.88
C LEU A 14 -0.63 1.68 -2.15
N ASP A 15 -1.40 2.06 -1.13
CA ASP A 15 -2.85 2.13 -1.25
C ASP A 15 -3.41 3.25 -0.38
N SEP A 16 -3.54 4.44 -0.98
CA SEP A 16 -4.06 5.60 -0.27
CB SEP A 16 -3.56 6.88 -0.93
OG SEP A 16 -4.48 7.96 -0.68
C SEP A 16 -5.59 5.58 -0.25
O SEP A 16 -6.22 6.34 0.49
P SEP A 16 -4.10 9.45 -1.15
O1P SEP A 16 -3.53 10.17 0.14
O2P SEP A 16 -5.46 10.08 -1.64
O3P SEP A 16 -3.04 9.29 -2.29
H SEP A 16 -3.28 4.53 -1.92
HA SEP A 16 -3.70 5.56 0.74
HB2 SEP A 16 -2.59 7.14 -0.53
HB3 SEP A 16 -3.47 6.73 -2.00
N GLY A 17 -6.18 4.70 -1.05
CA GLY A 17 -7.62 4.59 -1.12
C GLY A 17 -8.12 4.29 -2.51
N ILE A 18 -7.27 4.52 -3.51
CA ILE A 18 -7.63 4.27 -4.89
C ILE A 18 -6.83 3.12 -5.46
N HIS A 19 -6.10 2.42 -4.60
CA HIS A 19 -5.29 1.28 -5.00
C HIS A 19 -4.26 1.66 -6.06
N SEP A 20 -4.11 2.97 -6.28
CA SEP A 20 -3.16 3.48 -7.27
CB SEP A 20 -1.73 3.16 -6.84
OG SEP A 20 -0.88 4.28 -7.10
C SEP A 20 -3.44 2.87 -8.65
O SEP A 20 -2.54 2.79 -9.50
P SEP A 20 0.68 4.07 -7.33
O1P SEP A 20 1.29 3.75 -5.90
O2P SEP A 20 1.21 5.43 -7.92
O3P SEP A 20 0.80 2.85 -8.32
H SEP A 20 -4.65 3.61 -5.77
HA SEP A 20 -3.28 4.54 -7.33
HB2 SEP A 20 -1.71 2.92 -5.79
HB3 SEP A 20 -1.37 2.31 -7.40
N GLY A 21 -4.69 2.46 -8.87
CA GLY A 21 -5.06 1.86 -10.15
C GLY A 21 -6.27 2.52 -10.77
N ALA A 22 -6.77 3.57 -10.12
CA ALA A 22 -7.94 4.28 -10.61
C ALA A 22 -7.55 5.59 -11.30
N THR A 23 -6.27 5.72 -11.63
CA THR A 23 -5.76 6.92 -12.28
C THR A 23 -4.80 6.57 -13.41
N THR A 24 -4.65 5.27 -13.67
CA THR A 24 -3.76 4.80 -14.72
C THR A 24 -4.51 3.89 -15.70
N THR A 25 -5.31 2.98 -15.16
CA THR A 25 -6.08 2.06 -15.99
C THR A 25 -7.53 1.98 -15.50
N ALA A 26 -8.37 2.88 -16.01
CA ALA A 26 -9.78 2.91 -15.64
C ALA A 26 -10.58 3.88 -16.51
N PRO A 27 -10.11 5.16 -16.65
CA PRO A 27 -10.82 6.16 -17.47
C PRO A 27 -10.94 5.73 -18.92
N NH2 A 28 -12.05 5.08 -19.26
HN1 NH2 A 28 -12.72 4.92 -18.58
HN2 NH2 A 28 -12.15 4.79 -20.21
C ACE A 1 15.49 -1.64 14.08
O ACE A 1 15.71 -0.49 14.50
CH3 ACE A 1 15.30 -2.78 15.05
H1 ACE A 1 15.68 -2.56 16.04
H2 ACE A 1 15.81 -3.68 14.74
H3 ACE A 1 14.27 -3.05 15.18
N LYS A 2 15.41 -1.94 12.79
CA LYS A 2 15.56 -0.93 11.75
C LYS A 2 15.19 -1.49 10.39
N ALA A 3 15.46 -2.78 10.19
CA ALA A 3 15.15 -3.43 8.93
C ALA A 3 13.77 -4.09 8.97
N ALA A 4 13.06 -3.89 10.08
CA ALA A 4 11.73 -4.45 10.24
C ALA A 4 10.78 -3.49 10.95
N VAL A 5 11.26 -2.27 11.20
CA VAL A 5 10.45 -1.27 11.87
C VAL A 5 10.30 0.00 11.01
N SER A 6 11.14 0.11 9.98
CA SER A 6 11.09 1.26 9.09
C SER A 6 10.76 0.83 7.67
N HIS A 7 10.64 -0.48 7.45
CA HIS A 7 10.33 -1.02 6.14
C HIS A 7 8.84 -1.30 5.99
N TRP A 8 8.04 -0.79 6.94
CA TRP A 8 6.60 -0.99 6.90
C TRP A 8 5.89 0.29 6.46
N GLN A 9 6.66 1.34 6.26
CA GLN A 9 6.12 2.62 5.83
C GLN A 9 6.03 2.70 4.31
N GLN A 10 6.89 1.93 3.65
CA GLN A 10 6.92 1.90 2.19
C GLN A 10 5.93 0.87 1.65
N GLN A 11 5.07 0.38 2.52
CA GLN A 11 4.07 -0.61 2.14
C GLN A 11 2.68 -0.16 2.59
N SER A 12 2.64 0.81 3.50
CA SER A 12 1.38 1.32 4.03
C SER A 12 0.80 2.40 3.12
N TYR A 13 1.62 2.94 2.23
CA TYR A 13 1.17 3.98 1.31
C TYR A 13 0.61 3.37 0.03
N LEU A 14 0.68 2.04 -0.07
CA LEU A 14 0.18 1.34 -1.24
C LEU A 14 -1.34 1.19 -1.17
N ASP A 15 -1.90 1.57 -0.03
CA ASP A 15 -3.34 1.48 0.18
C ASP A 15 -3.86 2.75 0.86
N SEP A 16 -4.37 3.68 0.05
CA SEP A 16 -4.90 4.94 0.57
CB SEP A 16 -3.81 6.01 0.58
OG SEP A 16 -2.85 5.73 1.61
C SEP A 16 -6.10 5.42 -0.25
O SEP A 16 -6.53 6.57 -0.11
P SEP A 16 -2.20 6.92 2.45
O1P SEP A 16 -2.90 8.24 1.95
O2P SEP A 16 -0.66 6.87 2.14
O3P SEP A 16 -2.53 6.59 3.96
H SEP A 16 -4.38 3.52 -0.92
HA SEP A 16 -5.22 4.76 1.59
HB2 SEP A 16 -3.31 6.02 -0.38
HB3 SEP A 16 -4.26 6.97 0.76
N GLY A 17 -6.63 4.56 -1.10
CA GLY A 17 -7.77 4.93 -1.92
C GLY A 17 -8.00 3.99 -3.08
N ILE A 18 -6.90 3.51 -3.68
CA ILE A 18 -6.99 2.60 -4.82
C ILE A 18 -7.76 3.24 -5.97
N HIS A 19 -7.64 4.56 -6.08
CA HIS A 19 -8.31 5.32 -7.14
C HIS A 19 -9.82 5.32 -6.94
N SEP A 20 -10.30 4.61 -5.93
CA SEP A 20 -11.72 4.53 -5.64
CB SEP A 20 -12.26 5.90 -5.19
OG SEP A 20 -13.12 5.75 -4.07
C SEP A 20 -12.51 4.04 -6.86
O SEP A 20 -13.71 4.28 -6.97
P SEP A 20 -13.11 6.86 -2.91
O1P SEP A 20 -12.59 8.18 -3.59
O2P SEP A 20 -12.14 6.30 -1.79
O3P SEP A 20 -14.62 6.97 -2.43
H SEP A 20 -9.67 4.12 -5.36
HA SEP A 20 -11.86 3.82 -4.84
HB2 SEP A 20 -11.42 6.52 -4.93
HB3 SEP A 20 -12.80 6.34 -6.01
N GLY A 21 -11.82 3.34 -7.75
CA GLY A 21 -12.47 2.83 -8.95
C GLY A 21 -12.16 1.36 -9.20
N ALA A 22 -11.42 0.75 -8.27
CA ALA A 22 -11.05 -0.65 -8.40
C ALA A 22 -11.68 -1.48 -7.27
N THR A 23 -12.66 -0.88 -6.59
CA THR A 23 -13.35 -1.56 -5.49
C THR A 23 -14.81 -1.12 -5.41
N THR A 24 -15.34 -0.66 -6.54
CA THR A 24 -16.73 -0.21 -6.59
C THR A 24 -17.67 -1.33 -7.01
N THR A 25 -17.16 -2.26 -7.81
CA THR A 25 -17.94 -3.38 -8.29
C THR A 25 -17.09 -4.65 -8.35
N ALA A 26 -16.11 -4.73 -7.45
CA ALA A 26 -15.22 -5.87 -7.40
C ALA A 26 -14.51 -6.08 -8.74
N PRO A 27 -13.86 -5.02 -9.28
CA PRO A 27 -13.15 -5.10 -10.56
C PRO A 27 -11.92 -5.99 -10.48
N NH2 A 28 -12.08 -7.26 -10.85
HN1 NH2 A 28 -12.97 -7.56 -11.14
HN2 NH2 A 28 -11.30 -7.86 -10.80
C ACE A 1 13.28 -6.07 12.60
O ACE A 1 14.20 -5.28 12.82
CH3 ACE A 1 12.87 -7.08 13.63
H1 ACE A 1 12.60 -8.04 13.20
H2 ACE A 1 12.03 -6.78 14.22
H3 ACE A 1 13.66 -7.30 14.35
N LYS A 2 12.58 -6.07 11.47
CA LYS A 2 12.87 -5.13 10.39
C LYS A 2 11.81 -5.22 9.30
N ALA A 3 11.31 -6.43 9.06
CA ALA A 3 10.30 -6.65 8.04
C ALA A 3 8.90 -6.44 8.60
N ALA A 4 8.82 -6.07 9.88
CA ALA A 4 7.54 -5.84 10.53
C ALA A 4 7.54 -4.53 11.31
N VAL A 5 8.63 -3.78 11.21
CA VAL A 5 8.74 -2.50 11.91
C VAL A 5 9.23 -1.39 10.98
N SER A 6 9.71 -1.77 9.80
CA SER A 6 10.20 -0.81 8.83
C SER A 6 9.70 -1.11 7.43
N HIS A 7 8.99 -2.23 7.29
CA HIS A 7 8.45 -2.62 5.99
C HIS A 7 6.94 -2.32 5.90
N TRP A 8 6.40 -1.70 6.94
CA TRP A 8 4.98 -1.35 6.97
C TRP A 8 4.77 0.09 6.53
N GLN A 9 5.84 0.75 6.11
CA GLN A 9 5.77 2.14 5.67
C GLN A 9 5.74 2.22 4.15
N GLN A 10 6.51 1.37 3.49
CA GLN A 10 6.57 1.36 2.03
C GLN A 10 5.41 0.56 1.44
N GLN A 11 4.37 0.36 2.24
CA GLN A 11 3.19 -0.38 1.78
C GLN A 11 1.91 0.21 2.35
N SER A 12 2.05 1.14 3.31
CA SER A 12 0.89 1.78 3.92
C SER A 12 0.46 3.01 3.13
N TYR A 13 1.35 3.48 2.25
CA TYR A 13 1.05 4.66 1.43
C TYR A 13 0.54 4.26 0.05
N LEU A 14 0.62 2.96 -0.25
CA LEU A 14 0.17 2.44 -1.54
C LEU A 14 -1.29 2.01 -1.47
N ASP A 15 -1.90 2.21 -0.31
CA ASP A 15 -3.30 1.84 -0.11
C ASP A 15 -4.10 3.03 0.39
N SEP A 16 -3.64 4.23 0.05
CA SEP A 16 -4.32 5.46 0.46
CB SEP A 16 -3.47 6.68 0.11
OG SEP A 16 -3.18 6.69 -1.29
C SEP A 16 -5.69 5.58 -0.19
O SEP A 16 -6.64 6.04 0.43
P SEP A 16 -2.68 8.04 -1.99
O1P SEP A 16 -2.08 8.94 -0.84
O2P SEP A 16 -3.97 8.68 -2.66
O3P SEP A 16 -1.60 7.60 -3.06
H SEP A 16 -2.84 4.29 -0.51
HA SEP A 16 -4.44 5.42 1.53
HB2 SEP A 16 -4.00 7.57 0.38
HB3 SEP A 16 -2.54 6.64 0.66
N GLY A 17 -5.78 5.17 -1.45
CA GLY A 17 -7.04 5.24 -2.16
C GLY A 17 -6.90 4.91 -3.64
N ILE A 18 -6.14 3.86 -3.94
CA ILE A 18 -5.94 3.44 -5.33
C ILE A 18 -6.19 1.94 -5.48
N HIS A 19 -6.80 1.35 -4.46
CA HIS A 19 -7.12 -0.08 -4.47
C HIS A 19 -5.85 -0.93 -4.60
N SEP A 20 -4.69 -0.28 -4.55
CA SEP A 20 -3.40 -0.97 -4.66
CB SEP A 20 -3.19 -1.86 -3.44
OG SEP A 20 -1.79 -2.13 -3.26
C SEP A 20 -3.33 -1.80 -5.94
O SEP A 20 -2.55 -2.74 -6.03
P SEP A 20 -1.25 -2.76 -1.90
O1P SEP A 20 -2.13 -4.06 -1.65
O2P SEP A 20 -1.47 -1.65 -0.79
O3P SEP A 20 0.27 -3.09 -2.14
H SEP A 20 -4.69 0.70 -4.43
HA SEP A 20 -2.63 -0.22 -4.69
HB2 SEP A 20 -3.57 -1.38 -2.56
HB3 SEP A 20 -3.70 -2.80 -3.58
N GLY A 21 -4.16 -1.45 -6.92
CA GLY A 21 -4.18 -2.17 -8.18
C GLY A 21 -3.64 -1.35 -9.33
N ALA A 22 -2.94 -0.27 -9.01
CA ALA A 22 -2.36 0.60 -10.03
C ALA A 22 -0.97 0.15 -10.42
N THR A 23 -0.58 -1.03 -9.95
CA THR A 23 0.74 -1.58 -10.25
C THR A 23 0.66 -2.65 -11.33
N THR A 24 -0.42 -3.42 -11.30
CA THR A 24 -0.63 -4.49 -12.26
C THR A 24 -2.06 -5.02 -12.17
N THR A 25 -2.96 -4.15 -11.72
CA THR A 25 -4.37 -4.52 -11.57
C THR A 25 -4.54 -5.57 -10.47
N ALA A 26 -3.45 -5.82 -9.74
CA ALA A 26 -3.46 -6.80 -8.67
C ALA A 26 -4.12 -8.11 -9.10
N PRO A 27 -3.42 -8.93 -9.90
CA PRO A 27 -3.93 -10.22 -10.39
C PRO A 27 -4.22 -11.19 -9.24
N NH2 A 28 -5.46 -11.23 -8.79
HN1 NH2 A 28 -6.13 -10.64 -9.20
HN2 NH2 A 28 -5.67 -11.84 -8.05
C ACE A 1 15.02 1.50 13.30
O ACE A 1 14.67 2.68 13.34
CH3 ACE A 1 15.14 0.70 14.58
H1 ACE A 1 15.95 1.05 15.22
H2 ACE A 1 15.35 -0.35 14.40
H3 ACE A 1 14.25 0.73 15.19
N LYS A 2 15.32 0.86 12.17
CA LYS A 2 15.24 1.52 10.88
C LYS A 2 14.77 0.55 9.80
N ALA A 3 15.54 -0.51 9.58
CA ALA A 3 15.19 -1.51 8.57
C ALA A 3 13.99 -2.33 9.01
N ALA A 4 13.66 -2.24 10.30
CA ALA A 4 12.53 -2.97 10.85
C ALA A 4 11.47 -2.02 11.40
N VAL A 5 11.55 -0.76 10.97
CA VAL A 5 10.60 0.26 11.43
C VAL A 5 10.17 1.17 10.28
N SER A 6 10.92 1.13 9.18
CA SER A 6 10.60 1.95 8.01
C SER A 6 10.17 1.10 6.83
N HIS A 7 10.04 -0.21 7.07
CA HIS A 7 9.63 -1.13 6.01
C HIS A 7 8.14 -1.47 6.11
N TRP A 8 7.44 -0.76 7.00
CA TRP A 8 6.01 -0.99 7.19
C TRP A 8 5.19 0.17 6.62
N GLN A 9 5.89 1.22 6.19
CA GLN A 9 5.23 2.39 5.62
C GLN A 9 5.35 2.39 4.10
N GLN A 10 6.39 1.73 3.60
CA GLN A 10 6.63 1.64 2.16
C GLN A 10 5.74 0.56 1.54
N GLN A 11 4.75 0.12 2.31
CA GLN A 11 3.83 -0.91 1.85
C GLN A 11 2.42 -0.64 2.40
N SER A 12 2.31 0.43 3.19
CA SER A 12 1.03 0.80 3.78
C SER A 12 0.42 2.00 3.05
N TYR A 13 1.17 2.59 2.15
CA TYR A 13 0.70 3.75 1.40
C TYR A 13 0.10 3.33 0.07
N LEU A 14 0.33 2.07 -0.31
CA LEU A 14 -0.20 1.54 -1.56
C LEU A 14 -1.62 1.01 -1.38
N ASP A 15 -2.16 1.16 -0.17
CA ASP A 15 -3.50 0.71 0.14
C ASP A 15 -4.27 1.78 0.91
N SEP A 16 -3.69 2.99 0.95
CA SEP A 16 -4.31 4.10 1.66
CB SEP A 16 -3.40 5.33 1.62
OG SEP A 16 -3.78 6.24 2.65
C SEP A 16 -5.66 4.45 1.04
O SEP A 16 -6.63 4.74 1.75
P SEP A 16 -4.29 7.71 2.27
O1P SEP A 16 -4.08 8.60 3.55
O2P SEP A 16 -5.82 7.54 1.87
O3P SEP A 16 -3.39 8.17 1.04
H SEP A 16 -2.84 3.13 0.50
HA SEP A 16 -4.47 3.80 2.68
HB2 SEP A 16 -2.38 5.01 1.79
HB3 SEP A 16 -3.48 5.81 0.67
N GLY A 17 -5.74 4.43 -0.29
CA GLY A 17 -6.98 4.76 -0.97
C GLY A 17 -7.06 4.15 -2.35
N ILE A 18 -6.03 4.40 -3.17
CA ILE A 18 -5.99 3.88 -4.54
C ILE A 18 -7.04 4.54 -5.39
N HIS A 19 -6.61 5.56 -6.13
CA HIS A 19 -7.51 6.31 -6.99
C HIS A 19 -8.71 6.77 -6.19
N SEP A 20 -8.74 8.03 -5.83
CA SEP A 20 -9.85 8.57 -5.06
CB SEP A 20 -9.66 10.07 -4.84
OG SEP A 20 -10.92 10.71 -4.62
C SEP A 20 -11.17 8.29 -5.76
O SEP A 20 -12.25 8.48 -5.20
P SEP A 20 -10.99 12.18 -4.00
O1P SEP A 20 -11.51 13.11 -5.15
O2P SEP A 20 -9.51 12.52 -3.55
O3P SEP A 20 -11.99 12.08 -2.78
H SEP A 20 -8.00 8.63 -6.09
HA SEP A 20 -9.85 8.06 -4.10
HB2 SEP A 20 -9.03 10.21 -3.97
HB3 SEP A 20 -9.18 10.51 -5.70
N GLY A 21 -11.07 7.82 -7.01
CA GLY A 21 -12.25 7.48 -7.77
C GLY A 21 -12.54 5.99 -7.78
N ALA A 22 -11.53 5.16 -7.48
CA ALA A 22 -11.72 3.73 -7.45
C ALA A 22 -12.12 3.25 -6.06
N THR A 23 -12.60 4.18 -5.24
CA THR A 23 -13.02 3.86 -3.88
C THR A 23 -14.44 4.37 -3.62
N THR A 24 -14.93 5.23 -4.50
CA THR A 24 -16.27 5.79 -4.37
C THR A 24 -17.25 5.11 -5.32
N THR A 25 -16.71 4.33 -6.26
CA THR A 25 -17.53 3.63 -7.23
C THR A 25 -17.90 2.24 -6.74
N ALA A 26 -17.59 1.95 -5.49
CA ALA A 26 -17.90 0.64 -4.90
C ALA A 26 -19.40 0.48 -4.64
N PRO A 27 -20.04 1.45 -3.96
CA PRO A 27 -21.48 1.38 -3.67
C PRO A 27 -22.33 1.51 -4.93
N NH2 A 28 -22.55 2.74 -5.39
HN1 NH2 A 28 -22.14 3.50 -4.90
HN2 NH2 A 28 -23.09 2.86 -6.20
#